data_7QAD
#
_entry.id   7QAD
#
_cell.length_a   50.299
_cell.length_b   68.740
_cell.length_c   118.776
_cell.angle_alpha   90.000
_cell.angle_beta   90.000
_cell.angle_gamma   90.000
#
_symmetry.space_group_name_H-M   'I 2 2 2'
#
loop_
_entity.id
_entity.type
_entity.pdbx_description
1 polymer 'Cholinephosphate cytidylyltransferase'
2 non-polymer 1,4-oxazepane
3 non-polymer Guanidinium
4 water water
#
_entity_poly.entity_id   1
_entity_poly.type   'polypeptide(L)'
_entity_poly.pdbx_seq_one_letter_code
;GHMAVPDDDDDDDNSNDESEYESSQMDSEKNKGSIKNSKNVVIYADGVYDMLHLGHMKQLEQAKKLFENTTLIVGVTSDN
ETKLFKGQVVQTLEERTETLKHIRWVDEIISPCPWVVTPEFLEKYKIDYVAHDDIPYANNQKEDIYAWLKRAGKFKATQR
TEGVSTTDLIVRILKNYEDY
;
_entity_poly.pdbx_strand_id   A
#
loop_
_chem_comp.id
_chem_comp.type
_chem_comp.name
_chem_comp.formula
9OX non-polymer 1,4-oxazepane 'C5 H11 N O'
GZ6 non-polymer Guanidinium 'C H6 N3 1'
#
# COMPACT_ATOMS: atom_id res chain seq x y z
N SER A 38 10.98 -10.33 20.91
CA SER A 38 10.72 -8.96 20.42
C SER A 38 9.22 -8.71 20.36
N LYS A 39 8.74 -7.57 20.89
CA LYS A 39 7.34 -7.24 20.78
C LYS A 39 6.93 -7.05 19.33
N ASN A 40 5.62 -7.20 19.07
CA ASN A 40 5.08 -7.17 17.74
C ASN A 40 4.79 -5.74 17.30
N VAL A 41 5.43 -5.31 16.22
CA VAL A 41 5.30 -3.93 15.74
C VAL A 41 4.18 -3.86 14.71
N VAL A 42 3.23 -2.94 14.88
CA VAL A 42 2.15 -2.77 13.92
C VAL A 42 2.58 -1.77 12.85
N ILE A 43 2.61 -2.23 11.60
CA ILE A 43 2.97 -1.41 10.46
C ILE A 43 1.70 -1.17 9.64
N TYR A 44 1.51 0.08 9.20
CA TYR A 44 0.41 0.44 8.31
C TYR A 44 0.96 0.95 6.98
N ALA A 45 0.56 0.31 5.87
CA ALA A 45 0.77 0.85 4.54
C ALA A 45 -0.57 1.02 3.85
N ASP A 46 -0.72 2.10 3.09
CA ASP A 46 -1.96 2.31 2.36
C ASP A 46 -1.64 2.59 0.89
N GLY A 47 -2.66 2.51 0.06
CA GLY A 47 -2.44 2.71 -1.36
C GLY A 47 -3.68 2.35 -2.13
N VAL A 48 -3.59 2.51 -3.46
CA VAL A 48 -4.68 2.11 -4.33
C VAL A 48 -4.62 0.63 -4.61
N TYR A 49 -3.42 0.12 -4.90
CA TYR A 49 -3.24 -1.30 -5.26
C TYR A 49 -4.13 -1.69 -6.44
N ASP A 50 -4.23 -0.78 -7.42
CA ASP A 50 -4.88 -1.12 -8.68
C ASP A 50 -3.95 -2.03 -9.50
N MET A 51 -4.54 -3.07 -10.09
CA MET A 51 -3.80 -4.03 -10.93
C MET A 51 -2.46 -4.41 -10.30
N LEU A 52 -2.53 -4.98 -9.10
CA LEU A 52 -1.36 -5.29 -8.30
C LEU A 52 -0.27 -6.00 -9.11
N HIS A 53 0.96 -5.50 -9.01
CA HIS A 53 2.10 -6.08 -9.72
C HIS A 53 3.28 -6.27 -8.76
N LEU A 54 4.38 -6.81 -9.30
CA LEU A 54 5.60 -7.06 -8.54
C LEU A 54 6.06 -5.84 -7.77
N GLY A 55 5.92 -4.65 -8.36
CA GLY A 55 6.30 -3.44 -7.65
C GLY A 55 5.58 -3.29 -6.32
N HIS A 56 4.24 -3.41 -6.33
CA HIS A 56 3.47 -3.37 -5.09
C HIS A 56 3.93 -4.46 -4.13
N MET A 57 4.05 -5.68 -4.66
CA MET A 57 4.37 -6.85 -3.85
C MET A 57 5.67 -6.67 -3.08
N LYS A 58 6.72 -6.18 -3.75
CA LYS A 58 7.99 -5.96 -3.08
C LYS A 58 7.88 -4.86 -2.05
N GLN A 59 7.08 -3.83 -2.33
CA GLN A 59 6.86 -2.76 -1.37
C GLN A 59 6.20 -3.30 -0.11
N LEU A 60 5.17 -4.14 -0.26
CA LEU A 60 4.54 -4.76 0.90
C LEU A 60 5.53 -5.65 1.65
N GLU A 61 6.28 -6.48 0.92
CA GLU A 61 7.30 -7.30 1.56
C GLU A 61 8.22 -6.42 2.39
N GLN A 62 8.64 -5.29 1.84
CA GLN A 62 9.58 -4.44 2.56
C GLN A 62 8.94 -3.90 3.82
N ALA A 63 7.71 -3.41 3.72
CA ALA A 63 7.00 -2.98 4.93
C ALA A 63 6.94 -4.11 5.94
N LYS A 64 6.62 -5.32 5.49
CA LYS A 64 6.42 -6.43 6.41
C LYS A 64 7.72 -6.81 7.13
N LYS A 65 8.86 -6.58 6.49
CA LYS A 65 10.15 -6.98 7.05
C LYS A 65 10.91 -5.81 7.67
N LEU A 66 10.23 -4.71 7.99
CA LEU A 66 10.90 -3.60 8.67
C LEU A 66 11.45 -4.04 10.03
N PHE A 67 10.72 -4.89 10.76
CA PHE A 67 11.17 -5.42 12.04
C PHE A 67 10.98 -6.94 12.05
N GLU A 68 11.58 -7.59 13.04
CA GLU A 68 11.55 -9.05 13.07
C GLU A 68 10.12 -9.55 13.22
N ASN A 69 9.37 -8.95 14.14
CA ASN A 69 8.00 -9.36 14.47
C ASN A 69 7.06 -8.21 14.14
N THR A 70 6.24 -8.38 13.11
CA THR A 70 5.37 -7.31 12.66
C THR A 70 3.97 -7.85 12.37
N THR A 71 3.00 -6.95 12.47
CA THR A 71 1.68 -7.09 11.85
C THR A 71 1.60 -6.00 10.79
N LEU A 72 1.48 -6.41 9.52
CA LEU A 72 1.32 -5.45 8.44
C LEU A 72 -0.16 -5.26 8.13
N ILE A 73 -0.64 -4.04 8.34
CA ILE A 73 -2.00 -3.64 8.02
C ILE A 73 -1.96 -2.86 6.71
N VAL A 74 -2.79 -3.25 5.75
CA VAL A 74 -2.80 -2.52 4.47
C VAL A 74 -4.16 -1.84 4.32
N GLY A 75 -4.12 -0.54 4.05
CA GLY A 75 -5.33 0.21 3.75
C GLY A 75 -5.48 0.35 2.24
N VAL A 76 -6.72 0.17 1.79
CA VAL A 76 -7.07 0.18 0.37
C VAL A 76 -8.03 1.34 0.12
N THR A 77 -7.59 2.32 -0.67
CA THR A 77 -8.38 3.53 -0.90
C THR A 77 -9.67 3.25 -1.68
N SER A 78 -10.71 4.05 -1.40
CA SER A 78 -12.01 3.88 -2.05
C SER A 78 -11.97 4.33 -3.51
N ASP A 79 -12.94 3.85 -4.28
CA ASP A 79 -12.99 4.22 -5.69
C ASP A 79 -13.21 5.72 -5.85
N ASN A 80 -14.21 6.26 -5.15
CA ASN A 80 -14.54 7.68 -5.32
C ASN A 80 -13.36 8.56 -4.95
N GLU A 81 -12.73 8.31 -3.80
CA GLU A 81 -11.66 9.21 -3.36
C GLU A 81 -10.45 9.08 -4.28
N THR A 82 -10.09 7.86 -4.66
CA THR A 82 -9.03 7.70 -5.65
C THR A 82 -9.32 8.53 -6.90
N LYS A 83 -10.52 8.37 -7.48
CA LYS A 83 -10.85 9.07 -8.71
C LYS A 83 -10.77 10.58 -8.53
N LEU A 84 -11.35 11.09 -7.44
CA LEU A 84 -11.30 12.52 -7.15
C LEU A 84 -9.86 13.04 -7.07
N PHE A 85 -9.01 12.37 -6.27
CA PHE A 85 -7.71 12.94 -5.89
C PHE A 85 -6.53 12.43 -6.71
N LYS A 86 -6.66 11.29 -7.39
CA LYS A 86 -5.50 10.66 -8.03
C LYS A 86 -5.71 10.44 -9.52
N GLY A 87 -6.72 9.67 -9.91
CA GLY A 87 -6.94 9.37 -11.31
C GLY A 87 -7.83 8.15 -11.44
N GLN A 88 -7.92 7.67 -12.68
CA GLN A 88 -8.78 6.53 -12.95
C GLN A 88 -8.27 5.29 -12.23
N VAL A 89 -9.21 4.44 -11.82
CA VAL A 89 -8.91 3.13 -11.23
C VAL A 89 -9.56 2.08 -12.11
N VAL A 90 -8.80 1.05 -12.46
CA VAL A 90 -9.34 0.00 -13.32
C VAL A 90 -10.22 -0.96 -12.53
N GLN A 91 -9.75 -1.37 -11.35
CA GLN A 91 -10.44 -2.37 -10.56
C GLN A 91 -11.21 -1.73 -9.41
N THR A 92 -12.35 -2.34 -9.07
CA THR A 92 -13.17 -1.87 -7.98
C THR A 92 -12.44 -2.05 -6.65
N LEU A 93 -12.97 -1.39 -5.62
CA LEU A 93 -12.47 -1.62 -4.28
C LEU A 93 -12.49 -3.11 -3.93
N GLU A 94 -13.60 -3.79 -4.24
CA GLU A 94 -13.71 -5.22 -3.91
C GLU A 94 -12.64 -6.05 -4.62
N GLU A 95 -12.45 -5.81 -5.93
CA GLU A 95 -11.41 -6.53 -6.67
C GLU A 95 -10.02 -6.25 -6.12
N ARG A 96 -9.71 -4.98 -5.83
CA ARG A 96 -8.38 -4.63 -5.35
C ARG A 96 -8.12 -5.24 -3.97
N THR A 97 -9.14 -5.28 -3.12
CA THR A 97 -8.98 -5.89 -1.81
C THR A 97 -8.87 -7.41 -1.89
N GLU A 98 -9.67 -8.04 -2.75
CA GLU A 98 -9.63 -9.51 -2.85
C GLU A 98 -8.27 -10.00 -3.34
N THR A 99 -7.66 -9.27 -4.27
CA THR A 99 -6.31 -9.61 -4.69
C THR A 99 -5.31 -9.51 -3.54
N LEU A 100 -5.35 -8.41 -2.79
CA LEU A 100 -4.40 -8.20 -1.68
C LEU A 100 -4.48 -9.31 -0.66
N LYS A 101 -5.68 -9.85 -0.45
CA LYS A 101 -5.87 -10.94 0.49
C LYS A 101 -4.95 -12.13 0.19
N HIS A 102 -4.62 -12.35 -1.09
CA HIS A 102 -3.77 -13.49 -1.46
C HIS A 102 -2.27 -13.23 -1.25
N ILE A 103 -1.88 -12.04 -0.77
CA ILE A 103 -0.45 -11.69 -0.71
C ILE A 103 0.09 -12.10 0.65
N ARG A 104 1.17 -12.89 0.64
CA ARG A 104 1.76 -13.44 1.86
C ARG A 104 2.02 -12.38 2.95
N TRP A 105 2.53 -11.20 2.56
CA TRP A 105 2.99 -10.23 3.55
C TRP A 105 1.86 -9.51 4.25
N VAL A 106 0.63 -9.59 3.74
CA VAL A 106 -0.50 -8.79 4.24
C VAL A 106 -1.13 -9.52 5.42
N ASP A 107 -1.09 -8.90 6.58
CA ASP A 107 -1.70 -9.50 7.77
C ASP A 107 -3.14 -9.05 8.00
N GLU A 108 -3.45 -7.79 7.73
CA GLU A 108 -4.80 -7.28 7.93
C GLU A 108 -5.09 -6.24 6.86
N ILE A 109 -6.37 -6.08 6.54
CA ILE A 109 -6.73 -5.12 5.51
C ILE A 109 -7.83 -4.21 6.05
N ILE A 110 -7.66 -2.91 5.83
CA ILE A 110 -8.67 -1.90 6.14
C ILE A 110 -9.19 -1.42 4.81
N SER A 111 -10.44 -1.77 4.49
CA SER A 111 -10.96 -1.52 3.16
C SER A 111 -12.42 -1.11 3.23
N PRO A 112 -12.78 0.11 2.78
CA PRO A 112 -11.85 1.12 2.29
C PRO A 112 -11.08 1.72 3.46
N CYS A 113 -9.95 2.36 3.21
CA CYS A 113 -9.26 3.08 4.27
C CYS A 113 -9.48 4.58 4.13
N PRO A 114 -9.25 5.35 5.19
CA PRO A 114 -9.28 6.81 5.04
C PRO A 114 -8.24 7.22 4.01
N TRP A 115 -8.56 8.29 3.27
CA TRP A 115 -7.58 8.82 2.32
C TRP A 115 -6.39 9.46 3.04
N VAL A 116 -6.63 10.19 4.12
CA VAL A 116 -5.58 10.87 4.88
C VAL A 116 -5.43 10.18 6.23
N VAL A 117 -4.19 9.82 6.57
CA VAL A 117 -3.87 9.27 7.89
C VAL A 117 -3.87 10.39 8.93
N THR A 118 -4.54 10.14 10.05
CA THR A 118 -4.65 11.03 11.19
C THR A 118 -4.01 10.42 12.43
N PRO A 119 -3.59 11.23 13.40
CA PRO A 119 -3.16 10.69 14.70
C PRO A 119 -4.23 9.85 15.38
N GLU A 120 -5.50 10.26 15.30
CA GLU A 120 -6.55 9.43 15.89
C GLU A 120 -6.58 8.04 15.25
N PHE A 121 -6.39 7.97 13.92
CA PHE A 121 -6.39 6.67 13.22
C PHE A 121 -5.27 5.77 13.73
N LEU A 122 -4.07 6.32 13.91
CA LEU A 122 -2.96 5.56 14.48
C LEU A 122 -3.29 5.01 15.86
N GLU A 123 -3.94 5.82 16.71
CA GLU A 123 -4.30 5.34 18.04
C GLU A 123 -5.36 4.26 17.95
N LYS A 124 -6.37 4.46 17.11
CA LYS A 124 -7.47 3.52 17.01
C LYS A 124 -6.98 2.11 16.69
N TYR A 125 -6.01 1.99 15.77
CA TYR A 125 -5.53 0.69 15.33
C TYR A 125 -4.18 0.35 15.93
N LYS A 126 -3.75 1.09 16.96
CA LYS A 126 -2.50 0.79 17.67
C LYS A 126 -1.32 0.72 16.72
N ILE A 127 -1.27 1.62 15.75
CA ILE A 127 -0.22 1.54 14.74
C ILE A 127 1.07 2.16 15.28
N ASP A 128 2.19 1.49 15.05
CA ASP A 128 3.51 1.97 15.46
C ASP A 128 4.19 2.78 14.37
N TYR A 129 4.10 2.36 13.10
CA TYR A 129 4.75 3.06 11.99
C TYR A 129 3.87 3.02 10.74
N VAL A 130 3.93 4.12 9.99
CA VAL A 130 3.38 4.18 8.66
C VAL A 130 4.54 3.99 7.68
N ALA A 131 4.36 3.08 6.72
CA ALA A 131 5.37 2.75 5.74
C ALA A 131 4.91 3.25 4.38
N HIS A 132 5.72 4.08 3.74
CA HIS A 132 5.34 4.73 2.49
C HIS A 132 6.62 5.10 1.76
N ASP A 133 6.48 5.77 0.63
CA ASP A 133 7.64 6.27 -0.11
C ASP A 133 7.68 7.80 -0.13
N ASP A 144 6.04 18.20 3.62
CA ASP A 144 5.29 17.19 2.87
C ASP A 144 4.12 16.69 3.70
N ILE A 145 3.47 15.63 3.21
CA ILE A 145 2.25 15.16 3.86
C ILE A 145 2.53 14.18 5.00
N TYR A 146 3.66 13.47 4.97
CA TYR A 146 4.06 12.62 6.07
C TYR A 146 4.99 13.34 7.05
N ALA A 147 5.13 14.66 6.95
CA ALA A 147 6.05 15.39 7.82
C ALA A 147 5.72 15.19 9.28
N TRP A 148 4.43 15.30 9.65
CA TRP A 148 4.05 15.07 11.04
C TRP A 148 4.37 13.65 11.48
N LEU A 149 4.29 12.68 10.56
CA LEU A 149 4.67 11.31 10.90
C LEU A 149 6.16 11.20 11.20
N LYS A 150 7.00 11.82 10.36
CA LYS A 150 8.43 11.83 10.61
C LYS A 150 8.75 12.49 11.96
N ARG A 151 8.11 13.63 12.24
CA ARG A 151 8.38 14.35 13.50
C ARG A 151 8.10 13.46 14.70
N ALA A 152 7.11 12.58 14.58
CA ALA A 152 6.70 11.70 15.65
C ALA A 152 7.57 10.46 15.71
N GLY A 153 8.47 10.28 14.75
CA GLY A 153 9.22 9.04 14.68
C GLY A 153 8.42 7.85 14.21
N LYS A 154 7.27 8.09 13.56
CA LYS A 154 6.38 7.00 13.18
C LYS A 154 6.37 6.73 11.67
N PHE A 155 7.37 7.22 10.94
CA PHE A 155 7.42 7.03 9.50
C PHE A 155 8.60 6.13 9.13
N LYS A 156 8.35 5.12 8.31
CA LYS A 156 9.38 4.25 7.74
C LYS A 156 9.29 4.33 6.22
N ALA A 157 10.38 4.71 5.56
CA ALA A 157 10.36 4.87 4.11
C ALA A 157 10.43 3.51 3.41
N THR A 158 9.69 3.40 2.30
CA THR A 158 9.76 2.22 1.44
C THR A 158 9.79 2.67 -0.02
N GLN A 159 10.52 1.92 -0.84
CA GLN A 159 10.73 2.25 -2.23
C GLN A 159 9.87 1.37 -3.13
N ARG A 160 9.87 1.73 -4.41
CA ARG A 160 9.16 0.89 -5.40
C ARG A 160 10.14 0.45 -6.48
N THR A 161 9.65 -0.40 -7.40
CA THR A 161 10.47 -0.86 -8.55
C THR A 161 9.67 -0.50 -9.79
N GLU A 162 10.36 -0.23 -10.91
CA GLU A 162 9.67 0.17 -12.17
C GLU A 162 9.90 -0.92 -13.23
N GLY A 163 9.18 -0.84 -14.34
CA GLY A 163 9.36 -1.80 -15.45
C GLY A 163 8.72 -3.15 -15.14
N VAL A 164 8.08 -3.27 -13.98
CA VAL A 164 7.49 -4.57 -13.56
C VAL A 164 6.00 -4.36 -13.51
N SER A 165 5.50 -3.28 -14.12
CA SER A 165 4.09 -2.97 -13.92
C SER A 165 3.21 -3.64 -14.96
N THR A 166 1.90 -3.63 -14.66
CA THR A 166 0.93 -4.26 -15.53
C THR A 166 0.88 -3.60 -16.91
N THR A 167 0.86 -2.26 -16.95
CA THR A 167 0.84 -1.58 -18.24
C THR A 167 2.09 -1.90 -19.07
N ASP A 168 3.22 -2.13 -18.40
CA ASP A 168 4.44 -2.47 -19.15
C ASP A 168 4.33 -3.83 -19.83
N LEU A 169 3.52 -4.74 -19.28
CA LEU A 169 3.37 -6.05 -19.91
C LEU A 169 2.62 -5.95 -21.23
N ILE A 170 1.70 -4.99 -21.36
CA ILE A 170 0.97 -4.85 -22.60
C ILE A 170 1.89 -4.36 -23.72
N VAL A 171 2.78 -3.43 -23.41
CA VAL A 171 3.78 -3.01 -24.39
C VAL A 171 4.49 -4.23 -24.95
N ARG A 172 4.80 -5.18 -24.06
CA ARG A 172 5.55 -6.37 -24.42
C ARG A 172 4.76 -7.25 -25.39
N ILE A 173 3.49 -7.49 -25.08
CA ILE A 173 2.63 -8.21 -26.02
C ILE A 173 2.57 -7.45 -27.34
N LEU A 174 2.46 -6.13 -27.26
CA LEU A 174 2.33 -5.30 -28.45
C LEU A 174 3.59 -5.32 -29.28
N LYS A 175 4.76 -5.19 -28.62
CA LYS A 175 6.04 -5.12 -29.33
C LYS A 175 6.31 -6.38 -30.15
N ASN A 176 5.31 -7.26 -30.27
CA ASN A 176 5.32 -8.37 -31.22
C ASN A 176 4.90 -7.93 -32.63
N TYR A 177 4.69 -6.63 -32.86
CA TYR A 177 4.16 -6.12 -34.12
C TYR A 177 4.84 -4.79 -34.43
N GLU A 178 5.45 -4.68 -35.61
CA GLU A 178 6.12 -3.46 -36.01
C GLU A 178 5.19 -2.26 -36.05
C01 9OX B . -3.00 6.22 -0.39
C02 9OX B . -3.64 7.13 0.67
C04 9OX B . -1.65 8.54 0.34
C05 9OX B . -2.33 8.92 -0.99
C07 9OX B . -3.11 6.77 -1.82
N03 9OX B . -2.60 7.97 1.31
O06 9OX B . -2.17 7.88 -2.00
C GZ6 C . -8.32 -4.59 11.93
N1 GZ6 C . -9.01 -5.00 13.04
N2 GZ6 C . -8.91 -4.95 10.77
N3 GZ6 C . -7.21 -3.93 11.94
H1 GZ6 C . -9.88 -5.52 13.02
H2 GZ6 C . -8.48 -4.70 9.89
H3 GZ6 C . -9.78 -5.47 10.79
H4 GZ6 C . -6.82 -3.69 12.85
H6 GZ6 C . -8.72 -4.82 13.99
C GZ6 D . 0.59 2.93 19.66
N1 GZ6 D . 1.23 1.80 20.03
N2 GZ6 D . -0.75 2.85 19.83
N3 GZ6 D . 0.96 4.08 19.16
H1 GZ6 D . 0.77 0.97 20.39
H2 GZ6 D . -1.33 3.65 19.58
H3 GZ6 D . -1.16 2.00 20.20
H4 GZ6 D . 1.95 4.21 19.01
H6 GZ6 D . 2.23 1.66 19.97
#